data_4O6X
#
_entry.id   4O6X
#
_cell.length_a   44.452
_cell.length_b   56.817
_cell.length_c   81.949
_cell.angle_alpha   90.000
_cell.angle_beta   90.000
_cell.angle_gamma   90.000
#
_symmetry.space_group_name_H-M   'P 21 21 21'
#
loop_
_entity.id
_entity.type
_entity.pdbx_description
1 polymer Ankyrin-3
2 water water
#
_entity_poly.entity_id   1
_entity_poly.type   'polypeptide(L)'
_entity_poly.pdbx_seq_one_letter_code
;MERTDIRMAIVADHLGLSWTELARELNFSVDEINQIRVENPNSLISQSFMLLKKWVTRDGKNATTDALTSVLTKINRIDI
VTLLEGPIFDYGNISGTRSFADENNVFHDPVDGLEHHHHHH
;
_entity_poly.pdbx_strand_id   A,B
#
# COMPACT_ATOMS: atom_id res chain seq x y z
N GLU A 2 -0.20 21.70 -18.15
CA GLU A 2 -1.32 21.84 -17.22
C GLU A 2 -2.38 20.79 -17.48
N ARG A 3 -2.70 20.58 -18.74
CA ARG A 3 -3.64 19.50 -19.11
C ARG A 3 -3.17 18.16 -18.58
N THR A 4 -1.88 17.88 -18.74
CA THR A 4 -1.30 16.63 -18.28
C THR A 4 -1.35 16.51 -16.76
N ASP A 5 -1.15 17.63 -16.08
CA ASP A 5 -1.28 17.70 -14.62
C ASP A 5 -2.71 17.40 -14.17
N ILE A 6 -3.67 18.05 -14.82
CA ILE A 6 -5.07 17.76 -14.52
C ILE A 6 -5.39 16.28 -14.62
N ARG A 7 -4.85 15.61 -15.64
CA ARG A 7 -5.10 14.19 -15.82
C ARG A 7 -4.43 13.34 -14.73
N MET A 8 -3.23 13.73 -14.31
CA MET A 8 -2.56 13.03 -13.22
C MET A 8 -3.31 13.23 -11.90
N ALA A 9 -3.82 14.43 -11.69
CA ALA A 9 -4.65 14.71 -10.52
C ALA A 9 -5.86 13.80 -10.48
N ILE A 10 -6.50 13.57 -11.63
CA ILE A 10 -7.67 12.71 -11.68
C ILE A 10 -7.31 11.30 -11.28
N VAL A 11 -6.19 10.82 -11.84
CA VAL A 11 -5.70 9.52 -11.47
C VAL A 11 -5.43 9.48 -9.97
N ALA A 12 -4.74 10.50 -9.47
CA ALA A 12 -4.33 10.56 -8.07
C ALA A 12 -5.52 10.56 -7.12
N ASP A 13 -6.59 11.22 -7.54
CA ASP A 13 -7.82 11.25 -6.77
C ASP A 13 -8.41 9.85 -6.61
N HIS A 14 -8.47 9.10 -7.72
CA HIS A 14 -8.98 7.73 -7.71
C HIS A 14 -8.07 6.75 -6.97
N LEU A 15 -6.77 7.01 -6.98
CA LEU A 15 -5.81 6.09 -6.37
C LEU A 15 -6.07 5.87 -4.88
N GLY A 16 -6.07 6.94 -4.10
CA GLY A 16 -6.19 6.80 -2.66
C GLY A 16 -5.11 5.88 -2.11
N LEU A 17 -5.51 4.99 -1.22
CA LEU A 17 -4.56 4.14 -0.50
C LEU A 17 -3.78 3.20 -1.42
N SER A 18 -4.31 3.00 -2.63
CA SER A 18 -3.67 2.13 -3.60
C SER A 18 -2.33 2.68 -4.06
N TRP A 19 -2.08 3.96 -3.84
CA TRP A 19 -0.88 4.53 -4.42
C TRP A 19 0.37 3.80 -3.97
N THR A 20 0.36 3.28 -2.74
CA THR A 20 1.55 2.60 -2.22
C THR A 20 1.78 1.29 -2.97
N GLU A 21 0.69 0.62 -3.33
CA GLU A 21 0.78 -0.59 -4.14
C GLU A 21 1.22 -0.28 -5.57
N LEU A 22 0.71 0.81 -6.15
CA LEU A 22 1.17 1.23 -7.46
C LEU A 22 2.67 1.50 -7.40
N ALA A 23 3.08 2.25 -6.39
CA ALA A 23 4.49 2.58 -6.23
C ALA A 23 5.34 1.31 -6.20
N ARG A 24 4.92 0.34 -5.39
CA ARG A 24 5.65 -0.92 -5.26
C ARG A 24 5.77 -1.60 -6.62
N GLU A 25 4.65 -1.74 -7.32
CA GLU A 25 4.67 -2.41 -8.62
C GLU A 25 5.55 -1.64 -9.61
N LEU A 26 5.65 -0.33 -9.41
CA LEU A 26 6.51 0.52 -10.22
C LEU A 26 7.98 0.44 -9.78
N ASN A 27 8.24 -0.47 -8.86
CA ASN A 27 9.59 -0.69 -8.31
C ASN A 27 10.18 0.53 -7.60
N PHE A 28 9.35 1.27 -6.88
CA PHE A 28 9.83 2.26 -5.95
C PHE A 28 10.12 1.59 -4.61
N SER A 29 11.13 2.09 -3.90
CA SER A 29 11.56 1.48 -2.66
C SER A 29 10.73 1.97 -1.50
N VAL A 30 10.75 1.24 -0.38
CA VAL A 30 10.01 1.65 0.81
C VAL A 30 10.50 3.03 1.30
N ASP A 31 11.78 3.31 1.11
CA ASP A 31 12.30 4.63 1.47
C ASP A 31 11.64 5.70 0.61
N GLU A 32 11.56 5.45 -0.68
CA GLU A 32 10.92 6.43 -1.58
C GLU A 32 9.46 6.63 -1.20
N ILE A 33 8.76 5.55 -0.87
CA ILE A 33 7.36 5.66 -0.47
C ILE A 33 7.20 6.44 0.84
N ASN A 34 8.00 6.08 1.85
CA ASN A 34 7.98 6.77 3.13
C ASN A 34 8.15 8.27 2.93
N GLN A 35 9.10 8.63 2.07
CA GLN A 35 9.43 10.03 1.79
C GLN A 35 8.24 10.79 1.21
N ILE A 36 7.57 10.19 0.24
CA ILE A 36 6.39 10.81 -0.35
C ILE A 36 5.36 11.09 0.74
N ARG A 37 5.17 10.11 1.62
CA ARG A 37 4.19 10.25 2.71
C ARG A 37 4.59 11.34 3.71
N VAL A 38 5.88 11.38 4.06
CA VAL A 38 6.37 12.43 4.93
C VAL A 38 6.19 13.81 4.32
N GLU A 39 6.47 13.94 3.03
CA GLU A 39 6.38 15.23 2.36
C GLU A 39 4.93 15.66 2.11
N ASN A 40 4.00 14.72 2.22
CA ASN A 40 2.59 14.99 1.92
C ASN A 40 1.63 14.37 2.95
N PRO A 41 1.82 14.73 4.23
CA PRO A 41 1.32 14.00 5.40
C PRO A 41 -0.19 13.87 5.52
N ASN A 42 -0.94 14.87 5.08
CA ASN A 42 -2.38 14.89 5.35
C ASN A 42 -3.29 14.52 4.18
N SER A 43 -2.70 14.12 3.05
CA SER A 43 -3.50 13.87 1.86
C SER A 43 -3.00 12.67 1.07
N LEU A 44 -3.86 11.66 0.97
CA LEU A 44 -3.62 10.53 0.08
C LEU A 44 -3.57 10.97 -1.39
N ILE A 45 -4.38 11.96 -1.74
CA ILE A 45 -4.39 12.49 -3.12
C ILE A 45 -3.08 13.18 -3.43
N SER A 46 -2.62 14.04 -2.52
CA SER A 46 -1.31 14.67 -2.65
C SER A 46 -0.25 13.60 -2.80
N GLN A 47 -0.36 12.56 -1.97
CA GLN A 47 0.64 11.52 -1.97
C GLN A 47 0.68 10.82 -3.32
N SER A 48 -0.50 10.44 -3.82
CA SER A 48 -0.65 9.72 -5.07
C SER A 48 -0.17 10.60 -6.23
N PHE A 49 -0.43 11.89 -6.12
CA PHE A 49 -0.04 12.81 -7.18
C PHE A 49 1.48 12.92 -7.26
N MET A 50 2.15 12.96 -6.11
CA MET A 50 3.60 13.13 -6.11
C MET A 50 4.30 11.83 -6.53
N LEU A 51 3.67 10.70 -6.22
CA LEU A 51 4.13 9.43 -6.75
C LEU A 51 4.12 9.46 -8.30
N LEU A 52 2.99 9.88 -8.88
CA LEU A 52 2.86 9.98 -10.34
C LEU A 52 3.88 10.95 -10.95
N LYS A 53 4.12 12.06 -10.27
CA LYS A 53 5.16 13.01 -10.67
C LYS A 53 6.57 12.41 -10.65
N LYS A 54 6.90 11.67 -9.60
CA LYS A 54 8.23 11.06 -9.51
C LYS A 54 8.41 9.98 -10.58
N TRP A 55 7.35 9.22 -10.82
CA TRP A 55 7.33 8.21 -11.86
C TRP A 55 7.63 8.84 -13.23
N VAL A 56 7.02 9.98 -13.52
CA VAL A 56 7.23 10.64 -14.80
C VAL A 56 8.66 11.19 -14.89
N THR A 57 9.14 11.80 -13.80
CA THR A 57 10.53 12.27 -13.76
C THR A 57 11.50 11.10 -13.95
N ARG A 58 11.12 9.93 -13.43
CA ARG A 58 12.04 8.80 -13.46
C ARG A 58 12.05 8.06 -14.80
N ASP A 59 10.87 7.72 -15.31
CA ASP A 59 10.76 6.88 -16.51
C ASP A 59 10.51 7.66 -17.80
N GLY A 60 10.23 8.95 -17.67
CA GLY A 60 10.11 9.83 -18.82
C GLY A 60 9.15 9.38 -19.89
N LYS A 61 9.67 9.20 -21.11
CA LYS A 61 8.86 8.80 -22.26
C LYS A 61 8.28 7.43 -22.03
N ASN A 62 8.87 6.69 -21.10
CA ASN A 62 8.41 5.35 -20.77
C ASN A 62 7.29 5.33 -19.73
N ALA A 63 6.94 6.50 -19.21
CA ALA A 63 5.81 6.66 -18.30
C ALA A 63 4.52 6.76 -19.08
N THR A 64 4.07 5.65 -19.65
CA THR A 64 2.95 5.66 -20.59
C THR A 64 1.63 5.22 -19.97
N THR A 65 0.54 5.63 -20.61
CA THR A 65 -0.80 5.21 -20.28
C THR A 65 -0.82 3.70 -20.17
N ASP A 66 -0.14 3.07 -21.12
CA ASP A 66 -0.03 1.62 -21.17
C ASP A 66 0.76 1.01 -20.01
N ALA A 67 1.87 1.63 -19.63
CA ALA A 67 2.63 1.15 -18.48
C ALA A 67 1.76 1.22 -17.23
N LEU A 68 0.96 2.27 -17.16
CA LEU A 68 0.10 2.53 -16.01
C LEU A 68 -1.05 1.51 -15.91
N THR A 69 -1.71 1.24 -17.02
CA THR A 69 -2.83 0.30 -17.00
C THR A 69 -2.35 -1.12 -16.69
N SER A 70 -1.15 -1.46 -17.16
CA SER A 70 -0.58 -2.75 -16.83
C SER A 70 -0.45 -2.96 -15.32
N VAL A 71 0.10 -1.97 -14.63
CA VAL A 71 0.25 -2.06 -13.19
C VAL A 71 -1.10 -2.02 -12.47
N LEU A 72 -1.96 -1.08 -12.85
CA LEU A 72 -3.27 -0.95 -12.23
C LEU A 72 -4.12 -2.22 -12.38
N THR A 73 -3.96 -2.91 -13.52
CA THR A 73 -4.57 -4.21 -13.74
C THR A 73 -4.04 -5.19 -12.68
N LYS A 74 -2.72 -5.23 -12.54
CA LYS A 74 -2.08 -6.15 -11.60
C LYS A 74 -2.58 -5.97 -10.15
N ILE A 75 -2.76 -4.72 -9.73
CA ILE A 75 -3.23 -4.46 -8.36
C ILE A 75 -4.75 -4.27 -8.24
N ASN A 76 -5.49 -4.82 -9.20
CA ASN A 76 -6.96 -4.82 -9.17
C ASN A 76 -7.63 -3.45 -9.03
N ARG A 77 -7.12 -2.45 -9.74
CA ARG A 77 -7.82 -1.17 -9.82
C ARG A 77 -8.27 -0.98 -11.26
N ILE A 78 -9.12 -1.90 -11.73
CA ILE A 78 -9.63 -1.85 -13.11
C ILE A 78 -10.47 -0.60 -13.34
N ASP A 79 -11.12 -0.12 -12.28
CA ASP A 79 -11.87 1.12 -12.37
C ASP A 79 -11.03 2.27 -12.92
N ILE A 80 -9.72 2.26 -12.62
CA ILE A 80 -8.84 3.31 -13.11
C ILE A 80 -8.37 3.01 -14.54
N VAL A 81 -8.19 1.73 -14.85
CA VAL A 81 -7.89 1.31 -16.22
C VAL A 81 -8.93 1.82 -17.22
N THR A 82 -10.21 1.59 -16.93
CA THR A 82 -11.26 2.02 -17.86
C THR A 82 -11.24 3.53 -18.01
N LEU A 83 -11.06 4.23 -16.90
CA LEU A 83 -10.81 5.67 -16.92
C LEU A 83 -9.71 6.07 -17.91
N LEU A 84 -8.54 5.46 -17.79
CA LEU A 84 -7.41 5.75 -18.64
C LEU A 84 -7.64 5.38 -20.11
N GLU A 85 -8.48 4.37 -20.33
CA GLU A 85 -8.77 3.90 -21.68
C GLU A 85 -10.00 4.60 -22.26
N GLY A 86 -10.69 5.37 -21.42
CA GLY A 86 -11.95 5.99 -21.81
C GLY A 86 -11.80 7.37 -22.41
N PRO A 87 -12.92 7.98 -22.81
CA PRO A 87 -12.88 9.27 -23.52
C PRO A 87 -12.24 10.37 -22.67
N ILE A 88 -12.42 10.35 -21.35
CA ILE A 88 -11.89 11.43 -20.52
C ILE A 88 -10.39 11.56 -20.69
N PHE A 89 -9.73 10.45 -20.96
CA PHE A 89 -8.29 10.43 -21.20
C PHE A 89 -7.96 10.29 -22.69
N ASP A 90 -8.87 10.76 -23.54
CA ASP A 90 -8.70 10.67 -24.98
C ASP A 90 -8.26 9.27 -25.39
N TYR A 91 -8.83 8.27 -24.74
CA TYR A 91 -8.57 6.87 -25.05
C TYR A 91 -7.09 6.53 -24.95
N GLY A 92 -6.44 7.05 -23.92
CA GLY A 92 -5.06 6.69 -23.63
C GLY A 92 -4.05 7.74 -24.07
N ASN A 93 -4.51 8.80 -24.71
CA ASN A 93 -3.64 9.88 -25.18
C ASN A 93 -3.70 11.13 -24.29
N ILE A 94 -2.85 11.19 -23.27
CA ILE A 94 -2.79 12.40 -22.46
C ILE A 94 -2.32 13.53 -23.37
N SER A 95 -1.33 13.21 -24.21
CA SER A 95 -1.00 14.01 -25.39
C SER A 95 -0.20 13.20 -26.40
N ARG A 98 0.46 9.61 -25.45
CA ARG A 98 0.41 8.36 -24.67
C ARG A 98 1.23 8.43 -23.38
N SER A 99 2.31 9.19 -23.41
CA SER A 99 3.13 9.39 -22.22
C SER A 99 2.62 10.58 -21.40
N PHE A 100 2.85 10.51 -20.09
CA PHE A 100 2.53 11.62 -19.20
C PHE A 100 3.65 12.66 -19.21
N ALA A 101 4.70 12.39 -19.99
CA ALA A 101 5.82 13.31 -20.13
C ALA A 101 5.62 14.28 -21.30
N GLU B 2 -7.33 -17.98 20.82
CA GLU B 2 -8.36 -16.95 20.99
C GLU B 2 -7.75 -15.63 21.48
N ARG B 3 -7.03 -15.68 22.61
CA ARG B 3 -6.36 -14.49 23.11
C ARG B 3 -5.41 -13.89 22.07
N THR B 4 -4.68 -14.76 21.39
CA THR B 4 -3.70 -14.33 20.41
C THR B 4 -4.42 -13.56 19.28
N ASP B 5 -5.60 -14.05 18.89
CA ASP B 5 -6.43 -13.36 17.91
C ASP B 5 -6.80 -11.97 18.39
N ILE B 6 -7.05 -11.83 19.69
CA ILE B 6 -7.40 -10.55 20.25
C ILE B 6 -6.25 -9.54 20.13
N ARG B 7 -5.03 -9.98 20.48
CA ARG B 7 -3.88 -9.09 20.37
C ARG B 7 -3.66 -8.68 18.92
N MET B 8 -3.68 -9.65 18.02
CA MET B 8 -3.55 -9.37 16.59
C MET B 8 -4.65 -8.43 16.12
N ALA B 9 -5.85 -8.55 16.67
CA ALA B 9 -6.95 -7.68 16.23
C ALA B 9 -6.68 -6.22 16.57
N ILE B 10 -6.04 -5.95 17.70
CA ILE B 10 -5.81 -4.57 18.08
C ILE B 10 -4.69 -3.95 17.25
N VAL B 11 -3.69 -4.75 16.89
CA VAL B 11 -2.67 -4.28 15.93
C VAL B 11 -3.33 -3.97 14.57
N ALA B 12 -4.15 -4.92 14.10
CA ALA B 12 -4.89 -4.77 12.85
C ALA B 12 -5.77 -3.54 12.91
N ASP B 13 -6.37 -3.31 14.07
CA ASP B 13 -7.19 -2.13 14.28
C ASP B 13 -6.41 -0.86 13.96
N HIS B 14 -5.20 -0.77 14.50
CA HIS B 14 -4.35 0.40 14.30
C HIS B 14 -3.68 0.43 12.93
N LEU B 15 -3.49 -0.74 12.34
CA LEU B 15 -2.73 -0.86 11.10
C LEU B 15 -3.46 -0.14 9.98
N GLY B 16 -4.73 -0.45 9.80
CA GLY B 16 -5.54 0.23 8.79
C GLY B 16 -4.93 0.10 7.40
N LEU B 17 -4.83 1.22 6.69
CA LEU B 17 -4.37 1.22 5.31
C LEU B 17 -2.90 0.86 5.18
N SER B 18 -2.18 0.90 6.30
CA SER B 18 -0.74 0.65 6.28
C SER B 18 -0.46 -0.82 6.00
N TRP B 19 -1.50 -1.63 6.03
CA TRP B 19 -1.29 -3.07 5.99
C TRP B 19 -0.59 -3.59 4.73
N THR B 20 -0.88 -3.00 3.57
CA THR B 20 -0.23 -3.47 2.35
C THR B 20 1.26 -3.18 2.44
N GLU B 21 1.63 -2.06 3.06
CA GLU B 21 3.04 -1.74 3.25
C GLU B 21 3.73 -2.74 4.20
N LEU B 22 3.08 -3.02 5.32
CA LEU B 22 3.56 -4.05 6.23
C LEU B 22 3.73 -5.38 5.50
N ALA B 23 2.75 -5.75 4.69
CA ALA B 23 2.81 -7.02 3.95
C ALA B 23 4.04 -7.05 3.02
N ARG B 24 4.26 -5.96 2.30
CA ARG B 24 5.44 -5.87 1.45
C ARG B 24 6.70 -6.10 2.27
N GLU B 25 6.80 -5.44 3.41
CA GLU B 25 8.01 -5.54 4.21
C GLU B 25 8.14 -6.92 4.88
N LEU B 26 7.03 -7.64 4.97
CA LEU B 26 7.06 -9.00 5.47
C LEU B 26 7.24 -9.98 4.31
N ASN B 27 7.58 -9.43 3.14
CA ASN B 27 7.86 -10.22 1.95
C ASN B 27 6.67 -11.02 1.41
N PHE B 28 5.46 -10.52 1.60
CA PHE B 28 4.29 -11.09 0.94
C PHE B 28 4.23 -10.56 -0.50
N SER B 29 3.72 -11.40 -1.40
CA SER B 29 3.66 -11.06 -2.81
C SER B 29 2.43 -10.19 -3.08
N VAL B 30 2.45 -9.53 -4.25
CA VAL B 30 1.30 -8.76 -4.67
C VAL B 30 0.08 -9.65 -4.85
N ASP B 31 0.29 -10.89 -5.30
CA ASP B 31 -0.81 -11.84 -5.45
C ASP B 31 -1.41 -12.18 -4.08
N GLU B 32 -0.54 -12.35 -3.10
CA GLU B 32 -0.96 -12.65 -1.74
C GLU B 32 -1.71 -11.45 -1.17
N ILE B 33 -1.17 -10.26 -1.41
CA ILE B 33 -1.82 -9.04 -0.98
C ILE B 33 -3.20 -8.92 -1.63
N ASN B 34 -3.24 -9.02 -2.95
CA ASN B 34 -4.49 -8.97 -3.69
C ASN B 34 -5.51 -9.93 -3.13
N GLN B 35 -5.08 -11.14 -2.85
CA GLN B 35 -5.97 -12.20 -2.35
C GLN B 35 -6.59 -11.84 -1.00
N ILE B 36 -5.77 -11.33 -0.09
CA ILE B 36 -6.29 -10.87 1.21
C ILE B 36 -7.40 -9.83 1.01
N ARG B 37 -7.17 -8.87 0.13
CA ARG B 37 -8.15 -7.82 -0.09
C ARG B 37 -9.46 -8.39 -0.65
N VAL B 38 -9.35 -9.36 -1.57
CA VAL B 38 -10.53 -9.93 -2.20
C VAL B 38 -11.32 -10.78 -1.20
N GLU B 39 -10.61 -11.39 -0.26
CA GLU B 39 -11.26 -12.20 0.77
C GLU B 39 -11.94 -11.37 1.85
N ASN B 40 -11.52 -10.12 2.01
CA ASN B 40 -12.11 -9.21 3.00
C ASN B 40 -12.35 -7.83 2.42
N PRO B 41 -13.21 -7.74 1.38
CA PRO B 41 -13.30 -6.53 0.54
C PRO B 41 -13.81 -5.29 1.29
N ASN B 42 -14.55 -5.50 2.37
CA ASN B 42 -15.26 -4.39 2.99
C ASN B 42 -14.58 -3.76 4.23
N SER B 43 -13.39 -4.20 4.57
CA SER B 43 -12.81 -3.75 5.84
C SER B 43 -11.29 -3.74 5.83
N LEU B 44 -10.72 -2.57 6.06
CA LEU B 44 -9.28 -2.46 6.25
C LEU B 44 -8.82 -3.21 7.51
N ILE B 45 -9.69 -3.32 8.50
CA ILE B 45 -9.31 -4.04 9.72
C ILE B 45 -9.29 -5.54 9.46
N SER B 46 -10.30 -6.05 8.79
CA SER B 46 -10.32 -7.47 8.45
C SER B 46 -9.08 -7.82 7.62
N GLN B 47 -8.83 -7.02 6.60
CA GLN B 47 -7.65 -7.23 5.76
C GLN B 47 -6.36 -7.25 6.60
N SER B 48 -6.15 -6.23 7.41
CA SER B 48 -5.00 -6.14 8.30
C SER B 48 -4.92 -7.39 9.17
N PHE B 49 -6.05 -7.77 9.76
CA PHE B 49 -6.11 -8.95 10.61
C PHE B 49 -5.70 -10.24 9.89
N MET B 50 -6.25 -10.45 8.69
CA MET B 50 -5.91 -11.67 7.94
C MET B 50 -4.46 -11.68 7.52
N LEU B 51 -3.90 -10.50 7.28
CA LEU B 51 -2.48 -10.39 7.00
C LEU B 51 -1.66 -10.94 8.17
N LEU B 52 -1.99 -10.52 9.37
CA LEU B 52 -1.27 -10.98 10.57
C LEU B 52 -1.48 -12.48 10.79
N LYS B 53 -2.72 -12.94 10.60
CA LYS B 53 -3.01 -14.36 10.73
C LYS B 53 -2.15 -15.17 9.77
N LYS B 54 -2.03 -14.69 8.54
CA LYS B 54 -1.28 -15.42 7.51
C LYS B 54 0.22 -15.35 7.78
N TRP B 55 0.66 -14.25 8.38
CA TRP B 55 2.07 -14.09 8.75
C TRP B 55 2.46 -15.08 9.85
N VAL B 56 1.63 -15.22 10.86
CA VAL B 56 1.91 -16.15 11.94
C VAL B 56 1.91 -17.58 11.41
N THR B 57 0.98 -17.88 10.50
CA THR B 57 0.92 -19.22 9.91
C THR B 57 2.21 -19.50 9.13
N ARG B 58 2.59 -18.55 8.28
CA ARG B 58 3.78 -18.69 7.45
C ARG B 58 5.08 -18.80 8.24
N ASP B 59 5.27 -17.94 9.25
CA ASP B 59 6.56 -17.84 9.93
C ASP B 59 6.61 -18.55 11.27
N GLY B 60 5.46 -19.06 11.72
CA GLY B 60 5.37 -19.79 12.97
C GLY B 60 6.06 -19.10 14.13
N LYS B 61 7.04 -19.77 14.71
CA LYS B 61 7.71 -19.27 15.92
C LYS B 61 8.53 -18.02 15.64
N ASN B 62 8.89 -17.81 14.37
CA ASN B 62 9.64 -16.62 13.99
C ASN B 62 8.75 -15.38 13.82
N ALA B 63 7.44 -15.55 13.90
CA ALA B 63 6.53 -14.41 13.89
C ALA B 63 6.51 -13.76 15.28
N THR B 64 7.54 -12.97 15.58
CA THR B 64 7.71 -12.41 16.93
C THR B 64 7.31 -10.94 17.00
N THR B 65 6.97 -10.45 18.19
CA THR B 65 6.77 -9.02 18.42
C THR B 65 7.95 -8.18 17.93
N ASP B 66 9.18 -8.66 18.13
CA ASP B 66 10.33 -7.94 17.57
C ASP B 66 10.36 -7.92 16.04
N ALA B 67 10.08 -9.06 15.40
CA ALA B 67 10.06 -9.11 13.95
C ALA B 67 9.02 -8.11 13.44
N LEU B 68 7.92 -7.99 14.15
CA LEU B 68 6.84 -7.08 13.78
C LEU B 68 7.24 -5.64 14.08
N THR B 69 7.83 -5.41 15.25
CA THR B 69 8.35 -4.08 15.59
C THR B 69 9.32 -3.58 14.51
N SER B 70 10.13 -4.48 13.98
CA SER B 70 11.11 -4.14 12.96
C SER B 70 10.44 -3.58 11.71
N VAL B 71 9.54 -4.34 11.11
CA VAL B 71 8.90 -3.91 9.88
C VAL B 71 7.99 -2.69 10.10
N LEU B 72 7.38 -2.59 11.29
CA LEU B 72 6.53 -1.43 11.61
C LEU B 72 7.36 -0.16 11.59
N THR B 73 8.61 -0.30 12.02
CA THR B 73 9.54 0.81 12.01
C THR B 73 9.97 1.12 10.58
N LYS B 74 10.08 0.09 9.75
CA LYS B 74 10.46 0.26 8.35
C LYS B 74 9.44 1.09 7.58
N ILE B 75 8.16 0.88 7.89
CA ILE B 75 7.08 1.58 7.20
C ILE B 75 6.62 2.82 7.97
N ASN B 76 7.44 3.27 8.92
CA ASN B 76 7.11 4.48 9.66
C ASN B 76 5.80 4.42 10.41
N ARG B 77 5.53 3.28 11.05
CA ARG B 77 4.37 3.18 11.93
C ARG B 77 4.83 2.83 13.35
N ILE B 78 5.67 3.69 13.90
CA ILE B 78 6.23 3.48 15.23
C ILE B 78 5.20 3.62 16.35
N ASP B 79 4.11 4.33 16.05
CA ASP B 79 3.00 4.43 16.99
C ASP B 79 2.49 3.04 17.41
N ILE B 80 2.44 2.12 16.45
CA ILE B 80 1.92 0.78 16.72
C ILE B 80 2.89 -0.01 17.61
N VAL B 81 4.16 0.37 17.58
CA VAL B 81 5.14 -0.28 18.45
C VAL B 81 4.81 -0.10 19.95
N THR B 82 4.42 1.11 20.34
CA THR B 82 4.03 1.35 21.73
C THR B 82 2.90 0.41 22.14
N LEU B 83 2.07 0.06 21.17
CA LEU B 83 1.01 -0.91 21.39
C LEU B 83 1.61 -2.27 21.77
N LEU B 84 2.70 -2.63 21.11
CA LEU B 84 3.39 -3.90 21.37
C LEU B 84 4.18 -3.89 22.68
N GLU B 85 4.48 -2.69 23.16
CA GLU B 85 5.24 -2.51 24.38
C GLU B 85 4.35 -2.22 25.58
N GLY B 86 3.04 -2.19 25.33
CA GLY B 86 2.07 -1.93 26.38
C GLY B 86 1.47 -3.17 27.02
N PRO B 87 0.41 -2.99 27.81
CA PRO B 87 -0.27 -4.04 28.60
C PRO B 87 -0.83 -5.18 27.74
N ILE B 88 -1.32 -4.89 26.54
CA ILE B 88 -1.87 -5.93 25.66
C ILE B 88 -0.88 -7.08 25.47
N PHE B 89 0.41 -6.73 25.43
CA PHE B 89 1.47 -7.72 25.27
C PHE B 89 2.29 -7.83 26.55
N ASP B 90 1.63 -7.56 27.66
CA ASP B 90 2.23 -7.63 29.00
C ASP B 90 3.58 -6.91 29.10
N TYR B 91 3.74 -5.81 28.36
CA TYR B 91 5.02 -5.10 28.26
C TYR B 91 6.14 -6.10 28.02
N GLY B 92 5.93 -7.04 27.10
CA GLY B 92 6.78 -8.22 27.02
C GLY B 92 8.02 -8.05 26.18
N ARG B 98 6.63 -16.23 20.14
CA ARG B 98 7.23 -15.07 20.80
C ARG B 98 6.60 -13.69 20.46
N SER B 99 5.28 -13.60 20.46
CA SER B 99 4.39 -14.74 20.56
C SER B 99 3.04 -14.35 19.98
N PHE B 100 2.74 -14.92 18.83
CA PHE B 100 1.40 -14.92 18.31
C PHE B 100 1.08 -16.38 18.05
N ALA B 101 2.11 -17.21 18.15
CA ALA B 101 1.99 -18.65 17.95
C ALA B 101 1.99 -19.40 19.29
#